data_8RX3
#
_entry.id   8RX3
#
_cell.length_a   77.572
_cell.length_b   87.449
_cell.length_c   98.847
_cell.angle_alpha   90.00
_cell.angle_beta   90.00
_cell.angle_gamma   90.00
#
_symmetry.space_group_name_H-M   'P 21 21 21'
#
loop_
_entity.id
_entity.type
_entity.pdbx_description
1 polymer 'Leukotriene A-4 hydrolase'
2 non-polymer 'ZINC ION'
3 non-polymer 'ACETATE ION'
4 non-polymer 'YTTERBIUM (III) ION'
5 non-polymer IMIDAZOLE
6 non-polymer Acebilustat
7 water water
#
_entity_poly.entity_id   1
_entity_poly.type   'polypeptide(L)'
_entity_poly.pdbx_seq_one_letter_code
;GPGPEIVDTCSLASPASVCRTKHLHLRCSVDFTRRTLTGTAALTVQSQEDNLRSLVLDTKDLTIEKVVINGQEVKYALGE
RQSYKGSPMEISLPIALSKNQEIVIEISFETSPKSSALQWLTPEQTSGKEHPYLFSQCQAIHCRAILPCQDTPSVKLTYT
AEVSVPKELVALMSAIRDGETPDPEDPSRKIYKFIQKVPIPCYLIALVVGALESRQIGPRTLVWSEKEQVEKSAYEFSET
ESMLKIAEDLGGPYVWGQYDLLVLPPSFPYGGMENPCLTFVTPTLLAGDKSLSNVIAHEISHSWTGNLVTNKTWDHFWLN
EGHTVYLERHICGRLFGEKFRHFNALGGWGELQNSVKTFGETHPFTKLVVDLTDIDPDVAYSSVPYEKGFALLFYLEQLL
GGPEIFLGFLKAYVEKFSYKSITTDDWKDFLYSYFKDKVDVLNQVDWNAWLYSPGLPPIKPNYDMTLTNACIALSQRWIT
AKEDDLNSFNATDLKDLSSHQLNEFLAQTLQRAPLPLGHIKRMQEVYNFNAINNSEIRFRWLRLCIQSKWEDAIPLALKM
ATEQGRMKFTRPLFKDLAAFDKSHDQAVRTYQEHKASMHPVTAMLVGKDLKVD
;
_entity_poly.pdbx_strand_id   A
#
# COMPACT_ATOMS: atom_id res chain seq x y z
N VAL A 7 -13.12 15.93 12.08
CA VAL A 7 -12.17 15.46 13.11
C VAL A 7 -11.43 14.14 12.77
N ASP A 8 -10.09 14.23 12.62
CA ASP A 8 -9.25 13.06 12.34
C ASP A 8 -8.64 12.61 13.68
N THR A 9 -9.14 11.49 14.20
CA THR A 9 -8.73 10.94 15.50
C THR A 9 -7.33 10.32 15.51
N CYS A 10 -6.73 10.13 14.32
CA CYS A 10 -5.35 9.59 14.21
C CYS A 10 -4.31 10.71 14.23
N SER A 11 -4.74 11.97 14.23
CA SER A 11 -3.80 13.10 14.20
C SER A 11 -3.90 13.92 15.49
N LEU A 12 -2.75 14.40 15.96
CA LEU A 12 -2.67 15.24 17.16
C LEU A 12 -2.48 16.71 16.77
N ALA A 13 -2.35 16.98 15.46
CA ALA A 13 -2.15 18.34 14.92
C ALA A 13 -3.45 19.19 14.91
N SER A 14 -3.30 20.53 14.71
CA SER A 14 -4.46 21.41 14.55
C SER A 14 -5.20 20.91 13.31
N PRO A 15 -6.54 20.80 13.40
CA PRO A 15 -7.31 20.31 12.24
C PRO A 15 -7.39 21.37 11.12
N ALA A 16 -7.90 20.96 9.97
CA ALA A 16 -8.07 21.80 8.78
C ALA A 16 -8.99 23.02 9.00
N SER A 17 -9.86 22.96 10.03
CA SER A 17 -10.79 24.05 10.41
C SER A 17 -10.07 25.22 11.12
N VAL A 18 -8.84 24.98 11.63
CA VAL A 18 -8.01 25.94 12.37
C VAL A 18 -6.96 26.56 11.42
N CYS A 19 -6.18 25.70 10.77
CA CYS A 19 -5.13 26.13 9.85
C CYS A 19 -4.87 25.05 8.83
N ARG A 20 -4.30 25.41 7.67
CA ARG A 20 -4.01 24.42 6.62
C ARG A 20 -2.66 24.67 6.03
N THR A 21 -1.85 23.61 5.90
CA THR A 21 -0.54 23.67 5.27
C THR A 21 -0.81 23.73 3.75
N LYS A 22 -0.30 24.77 3.11
CA LYS A 22 -0.45 24.97 1.67
C LYS A 22 0.76 24.43 0.88
N HIS A 23 1.94 24.47 1.49
CA HIS A 23 3.17 24.06 0.81
C HIS A 23 4.23 23.64 1.82
N LEU A 24 5.09 22.70 1.41
CA LEU A 24 6.25 22.27 2.18
C LEU A 24 7.46 22.47 1.29
N HIS A 25 8.50 23.12 1.82
CA HIS A 25 9.77 23.19 1.13
C HIS A 25 10.75 22.45 2.07
N LEU A 26 11.20 21.27 1.63
CA LEU A 26 12.08 20.40 2.42
C LEU A 26 13.51 20.48 1.94
N ARG A 27 14.44 20.78 2.86
CA ARG A 27 15.86 20.81 2.56
C ARG A 27 16.50 19.85 3.52
N CYS A 28 16.96 18.70 3.03
CA CYS A 28 17.53 17.72 3.95
C CYS A 28 18.74 17.01 3.44
N SER A 29 19.45 16.36 4.37
CA SER A 29 20.65 15.61 4.09
C SER A 29 20.49 14.22 4.66
N VAL A 30 20.88 13.20 3.89
CA VAL A 30 20.75 11.79 4.27
C VAL A 30 22.10 11.29 4.82
N ASP A 31 22.16 10.93 6.11
CA ASP A 31 23.39 10.46 6.74
C ASP A 31 23.31 8.97 7.03
N PHE A 32 23.98 8.16 6.21
CA PHE A 32 23.96 6.71 6.38
C PHE A 32 24.75 6.21 7.58
N THR A 33 25.78 6.96 8.01
CA THR A 33 26.57 6.55 9.19
C THR A 33 25.73 6.66 10.47
N ARG A 34 24.97 7.76 10.59
CA ARG A 34 24.10 8.02 11.75
C ARG A 34 22.68 7.46 11.59
N ARG A 35 22.27 7.12 10.35
CA ARG A 35 20.90 6.67 10.01
C ARG A 35 19.90 7.77 10.35
N THR A 36 20.21 8.99 9.92
CA THR A 36 19.35 10.13 10.16
C THR A 36 19.16 10.97 8.90
N LEU A 37 18.01 11.64 8.85
CA LEU A 37 17.65 12.64 7.86
C LEU A 37 17.70 13.93 8.69
N THR A 38 18.49 14.92 8.28
CA THR A 38 18.58 16.18 9.02
C THR A 38 18.28 17.30 8.06
N GLY A 39 17.54 18.29 8.52
CA GLY A 39 17.28 19.44 7.66
C GLY A 39 16.24 20.38 8.21
N THR A 40 15.56 21.05 7.27
CA THR A 40 14.52 22.03 7.58
C THR A 40 13.28 21.74 6.76
N ALA A 41 12.13 21.79 7.43
CA ALA A 41 10.84 21.63 6.79
C ALA A 41 10.24 23.04 6.90
N ALA A 42 10.09 23.71 5.75
CA ALA A 42 9.51 25.05 5.76
C ALA A 42 8.06 24.91 5.30
N LEU A 43 7.13 25.09 6.25
CA LEU A 43 5.70 24.96 6.02
C LEU A 43 5.03 26.31 5.80
N THR A 44 4.35 26.47 4.67
CA THR A 44 3.53 27.64 4.39
C THR A 44 2.16 27.27 4.94
N VAL A 45 1.73 27.98 5.97
CA VAL A 45 0.49 27.67 6.66
C VAL A 45 -0.49 28.83 6.51
N GLN A 46 -1.74 28.49 6.20
CA GLN A 46 -2.82 29.46 6.09
C GLN A 46 -3.76 29.32 7.28
N SER A 47 -4.00 30.41 7.99
CA SER A 47 -4.92 30.40 9.12
C SER A 47 -6.36 30.35 8.59
N GLN A 48 -7.22 29.59 9.27
CA GLN A 48 -8.63 29.51 8.91
C GLN A 48 -9.48 30.22 9.95
N GLU A 49 -8.82 30.90 10.93
CA GLU A 49 -9.51 31.55 12.05
C GLU A 49 -8.96 32.94 12.30
N ASP A 50 -9.76 33.77 12.93
CA ASP A 50 -9.32 35.09 13.35
C ASP A 50 -8.46 34.94 14.60
N ASN A 51 -7.44 35.84 14.76
CA ASN A 51 -6.59 35.92 15.96
C ASN A 51 -5.90 34.58 16.32
N LEU A 52 -5.32 33.90 15.30
CA LEU A 52 -4.63 32.64 15.53
C LEU A 52 -3.26 32.91 16.12
N ARG A 53 -2.97 32.35 17.32
CA ARG A 53 -1.70 32.59 18.02
C ARG A 53 -0.80 31.38 18.25
N SER A 54 -1.30 30.19 17.96
CA SER A 54 -0.52 28.97 18.10
C SER A 54 -1.12 27.91 17.19
N LEU A 55 -0.35 26.85 16.98
CA LEU A 55 -0.83 25.72 16.19
C LEU A 55 -0.07 24.50 16.61
N VAL A 56 -0.62 23.34 16.29
CA VAL A 56 -0.02 22.09 16.72
C VAL A 56 0.26 21.22 15.52
N LEU A 57 1.44 20.58 15.51
CA LEU A 57 1.83 19.64 14.45
C LEU A 57 2.09 18.26 15.04
N ASP A 58 2.02 17.25 14.18
CA ASP A 58 2.34 15.88 14.53
C ASP A 58 3.85 15.66 14.39
N THR A 59 4.44 14.88 15.29
CA THR A 59 5.86 14.49 15.22
C THR A 59 5.93 13.08 15.79
N LYS A 60 6.94 12.30 15.42
CA LYS A 60 7.10 10.96 16.01
C LYS A 60 8.60 10.66 16.02
N ASP A 61 9.21 10.63 17.23
CA ASP A 61 10.65 10.37 17.39
C ASP A 61 11.54 11.34 16.62
N LEU A 62 11.13 12.60 16.54
CA LEU A 62 11.91 13.64 15.88
C LEU A 62 12.61 14.45 16.93
N THR A 63 13.83 14.86 16.62
CA THR A 63 14.58 15.78 17.47
C THR A 63 14.42 17.14 16.84
N ILE A 64 13.89 18.12 17.58
CA ILE A 64 13.71 19.46 17.07
C ILE A 64 14.84 20.33 17.61
N GLU A 65 15.53 21.02 16.70
CA GLU A 65 16.64 21.92 17.03
C GLU A 65 16.09 23.32 17.30
N LYS A 66 15.23 23.83 16.40
CA LYS A 66 14.66 25.18 16.50
C LYS A 66 13.51 25.38 15.53
N VAL A 67 12.74 26.44 15.77
CA VAL A 67 11.60 26.86 14.93
C VAL A 67 11.79 28.34 14.64
N VAL A 68 11.84 28.70 13.34
CA VAL A 68 12.09 30.06 12.90
C VAL A 68 10.91 30.58 12.08
N ILE A 69 10.38 31.76 12.47
CA ILE A 69 9.31 32.50 11.79
C ILE A 69 9.79 33.95 11.65
N ASN A 70 9.76 34.52 10.41
CA ASN A 70 10.19 35.89 10.10
C ASN A 70 11.64 36.17 10.51
N GLY A 71 12.50 35.17 10.36
CA GLY A 71 13.93 35.28 10.68
C GLY A 71 14.28 35.18 12.16
N GLN A 72 13.28 34.96 13.03
CA GLN A 72 13.55 34.85 14.48
C GLN A 72 13.09 33.52 15.06
N GLU A 73 13.83 33.01 16.05
CA GLU A 73 13.47 31.77 16.73
C GLU A 73 12.27 31.97 17.62
N VAL A 74 11.31 31.02 17.56
CA VAL A 74 10.07 31.08 18.33
C VAL A 74 9.97 29.97 19.36
N LYS A 75 9.06 30.15 20.32
CA LYS A 75 8.86 29.15 21.37
C LYS A 75 8.01 28.00 20.85
N TYR A 76 8.34 26.79 21.28
CA TYR A 76 7.61 25.57 20.93
C TYR A 76 7.69 24.58 22.09
N ALA A 77 6.77 23.64 22.14
CA ALA A 77 6.76 22.62 23.20
C ALA A 77 6.28 21.29 22.65
N LEU A 78 6.96 20.21 23.07
CA LEU A 78 6.57 18.85 22.71
C LEU A 78 5.78 18.26 23.87
N GLY A 79 4.61 17.73 23.55
CA GLY A 79 3.78 17.10 24.56
C GLY A 79 4.28 15.69 24.82
N GLU A 80 3.65 15.01 25.79
CA GLU A 80 3.91 13.62 26.13
C GLU A 80 3.61 12.74 24.89
N ARG A 81 4.38 11.66 24.68
CA ARG A 81 4.13 10.78 23.56
C ARG A 81 2.81 10.01 23.77
N GLN A 82 2.01 9.88 22.70
CA GLN A 82 0.73 9.16 22.71
C GLN A 82 0.86 7.90 21.87
N SER A 83 1.72 6.97 22.35
CA SER A 83 2.00 5.69 21.69
C SER A 83 2.33 5.87 20.18
N TYR A 84 1.67 5.11 19.28
CA TYR A 84 1.88 5.13 17.82
C TYR A 84 1.56 6.51 17.16
N LYS A 85 0.79 7.40 17.84
CA LYS A 85 0.46 8.75 17.31
C LYS A 85 1.63 9.73 17.42
N GLY A 86 2.60 9.40 18.26
CA GLY A 86 3.74 10.27 18.47
C GLY A 86 3.45 11.36 19.48
N SER A 87 4.18 12.48 19.36
CA SER A 87 4.14 13.61 20.26
C SER A 87 3.65 14.87 19.57
N PRO A 88 2.66 15.58 20.15
CA PRO A 88 2.22 16.85 19.52
C PRO A 88 3.25 17.94 19.75
N MET A 89 3.44 18.79 18.74
CA MET A 89 4.38 19.90 18.83
C MET A 89 3.58 21.19 18.73
N GLU A 90 3.52 21.98 19.83
CA GLU A 90 2.78 23.24 19.81
C GLU A 90 3.74 24.40 19.54
N ILE A 91 3.43 25.23 18.55
CA ILE A 91 4.28 26.34 18.17
C ILE A 91 3.58 27.66 18.50
N SER A 92 4.26 28.58 19.23
CA SER A 92 3.74 29.89 19.60
C SER A 92 4.05 30.86 18.48
N LEU A 93 3.02 31.39 17.82
CA LEU A 93 3.27 32.31 16.71
C LEU A 93 3.75 33.69 17.21
N PRO A 94 4.74 34.33 16.56
CA PRO A 94 5.21 35.64 17.06
C PRO A 94 4.17 36.75 16.91
N ILE A 95 3.29 36.66 15.89
CA ILE A 95 2.22 37.64 15.65
C ILE A 95 0.91 36.91 15.36
N ALA A 96 -0.19 37.39 15.94
CA ALA A 96 -1.53 36.79 15.76
C ALA A 96 -1.93 36.89 14.27
N LEU A 97 -2.53 35.84 13.70
CA LEU A 97 -2.93 35.83 12.29
C LEU A 97 -4.42 36.03 12.09
N SER A 98 -4.81 36.77 11.04
CA SER A 98 -6.22 36.94 10.72
C SER A 98 -6.62 35.78 9.78
N LYS A 99 -7.91 35.60 9.50
CA LYS A 99 -8.37 34.53 8.61
C LYS A 99 -7.78 34.71 7.21
N ASN A 100 -7.28 33.59 6.61
CA ASN A 100 -6.67 33.52 5.28
C ASN A 100 -5.24 34.04 5.19
N GLN A 101 -4.72 34.66 6.28
CA GLN A 101 -3.33 35.10 6.30
C GLN A 101 -2.41 33.88 6.26
N GLU A 102 -1.29 34.01 5.54
CA GLU A 102 -0.31 32.94 5.43
C GLU A 102 1.03 33.31 6.00
N ILE A 103 1.70 32.34 6.62
CA ILE A 103 3.06 32.50 7.16
C ILE A 103 3.92 31.28 6.82
N VAL A 104 5.25 31.46 6.88
CA VAL A 104 6.20 30.37 6.63
C VAL A 104 6.86 30.02 7.95
N ILE A 105 6.80 28.75 8.33
CA ILE A 105 7.38 28.25 9.60
C ILE A 105 8.48 27.27 9.23
N GLU A 106 9.73 27.66 9.50
CA GLU A 106 10.88 26.82 9.18
C GLU A 106 11.31 26.00 10.41
N ILE A 107 11.15 24.68 10.37
CA ILE A 107 11.50 23.82 11.50
C ILE A 107 12.75 23.01 11.19
N SER A 108 13.78 23.12 12.04
CA SER A 108 15.03 22.37 11.92
C SER A 108 14.87 21.13 12.77
N PHE A 109 15.02 19.97 12.14
CA PHE A 109 14.77 18.69 12.78
C PHE A 109 15.81 17.64 12.35
N GLU A 110 15.71 16.48 13.02
CA GLU A 110 16.50 15.29 12.76
C GLU A 110 15.64 14.08 13.10
N THR A 111 15.68 13.07 12.23
CA THR A 111 14.91 11.87 12.46
C THR A 111 15.67 10.95 13.39
N SER A 112 14.97 9.98 13.98
CA SER A 112 15.57 8.93 14.78
C SER A 112 15.95 7.77 13.84
N PRO A 113 17.05 7.02 14.10
CA PRO A 113 17.35 5.84 13.27
C PRO A 113 16.22 4.80 13.27
N LYS A 114 15.38 4.82 14.33
CA LYS A 114 14.26 3.89 14.49
C LYS A 114 12.94 4.46 13.94
N SER A 115 13.00 5.56 13.16
CA SER A 115 11.82 6.17 12.52
C SER A 115 10.95 5.07 11.90
N SER A 116 9.66 5.05 12.26
CA SER A 116 8.77 4.01 11.72
C SER A 116 8.45 4.19 10.22
N ALA A 117 8.81 5.36 9.66
CA ALA A 117 8.59 5.64 8.23
C ALA A 117 9.71 5.08 7.36
N LEU A 118 10.88 4.79 7.94
CA LEU A 118 12.04 4.47 7.15
C LEU A 118 12.64 3.12 7.38
N GLN A 119 13.29 2.59 6.34
CA GLN A 119 14.12 1.42 6.48
C GLN A 119 15.51 1.77 5.95
N TRP A 120 16.54 1.65 6.79
CA TRP A 120 17.94 1.89 6.44
C TRP A 120 18.56 0.51 6.17
N LEU A 121 19.11 0.32 4.97
CA LEU A 121 19.71 -0.96 4.59
C LEU A 121 21.21 -0.85 4.50
N THR A 122 21.91 -1.88 5.00
CA THR A 122 23.37 -1.97 4.90
C THR A 122 23.68 -2.46 3.46
N PRO A 123 24.93 -2.28 2.95
CA PRO A 123 25.25 -2.82 1.60
C PRO A 123 24.90 -4.30 1.43
N GLU A 124 25.12 -5.12 2.48
CA GLU A 124 24.81 -6.57 2.49
C GLU A 124 23.34 -6.88 2.21
N GLN A 125 22.42 -5.98 2.62
CA GLN A 125 20.99 -6.10 2.42
C GLN A 125 20.50 -5.64 1.02
N THR A 126 21.45 -5.22 0.15
CA THR A 126 21.10 -4.75 -1.22
C THR A 126 21.52 -5.79 -2.29
N SER A 127 21.12 -5.58 -3.58
CA SER A 127 21.53 -6.47 -4.67
C SER A 127 23.01 -6.32 -5.02
N GLY A 128 23.50 -5.08 -5.06
CA GLY A 128 24.87 -4.76 -5.46
C GLY A 128 25.96 -5.00 -4.44
N LYS A 129 25.60 -4.97 -3.13
CA LYS A 129 26.51 -5.23 -1.99
C LYS A 129 27.61 -4.19 -1.73
N GLU A 130 27.61 -3.07 -2.49
CA GLU A 130 28.66 -2.06 -2.31
C GLU A 130 28.15 -0.78 -1.68
N HIS A 131 26.84 -0.51 -1.76
CA HIS A 131 26.26 0.72 -1.25
C HIS A 131 25.04 0.50 -0.34
N PRO A 132 24.86 1.39 0.66
CA PRO A 132 23.68 1.30 1.54
C PRO A 132 22.45 1.82 0.76
N TYR A 133 21.26 1.67 1.34
CA TYR A 133 20.01 2.06 0.70
C TYR A 133 19.01 2.56 1.75
N LEU A 134 18.16 3.51 1.37
CA LEU A 134 17.12 4.07 2.25
C LEU A 134 15.80 4.18 1.51
N PHE A 135 14.66 3.81 2.13
CA PHE A 135 13.37 4.09 1.52
C PHE A 135 12.36 4.44 2.59
N SER A 136 11.34 5.23 2.21
CA SER A 136 10.25 5.61 3.10
C SER A 136 8.96 4.89 2.74
N GLN A 137 8.02 4.92 3.68
CA GLN A 137 6.67 4.39 3.55
C GLN A 137 5.83 5.17 4.55
N CYS A 138 5.15 6.23 4.09
CA CYS A 138 4.43 7.12 5.02
C CYS A 138 3.00 6.66 5.32
N GLN A 139 2.34 5.97 4.39
CA GLN A 139 0.93 5.59 4.64
C GLN A 139 0.89 4.56 5.78
N ALA A 140 0.03 4.78 6.78
CA ALA A 140 -0.99 5.85 6.88
C ALA A 140 -0.46 7.08 7.62
N ILE A 141 0.11 6.87 8.80
CA ILE A 141 0.51 8.03 9.66
C ILE A 141 2.00 7.94 10.04
N HIS A 142 2.86 7.75 9.06
CA HIS A 142 4.29 7.72 9.31
C HIS A 142 5.00 8.96 8.81
N CYS A 143 4.29 9.86 8.06
CA CYS A 143 4.99 11.09 7.62
C CYS A 143 5.50 11.88 8.84
N ARG A 144 4.78 11.82 9.97
CA ARG A 144 5.16 12.49 11.21
C ARG A 144 6.50 11.96 11.79
N ALA A 145 6.93 10.75 11.37
CA ALA A 145 8.21 10.14 11.75
C ALA A 145 9.39 10.58 10.83
N ILE A 146 9.10 11.42 9.83
CA ILE A 146 10.10 12.02 8.92
C ILE A 146 10.20 13.51 9.19
N LEU A 147 9.05 14.19 9.25
CA LEU A 147 9.07 15.63 9.43
C LEU A 147 7.84 16.14 10.20
N PRO A 148 7.91 17.32 10.85
CA PRO A 148 6.72 17.85 11.55
C PRO A 148 5.70 18.31 10.52
N CYS A 149 4.44 17.88 10.69
CA CYS A 149 3.39 18.18 9.71
C CYS A 149 2.01 17.99 10.32
N GLN A 150 0.96 18.40 9.59
CA GLN A 150 -0.42 18.10 9.98
C GLN A 150 -0.61 16.75 9.29
N ASP A 151 -0.32 15.67 10.02
CA ASP A 151 -0.31 14.32 9.43
C ASP A 151 -1.71 13.71 9.32
N THR A 152 -2.48 14.26 8.40
CA THR A 152 -3.87 13.91 8.16
C THR A 152 -4.19 14.05 6.68
N PRO A 153 -4.89 13.07 6.07
CA PRO A 153 -5.23 13.22 4.63
C PRO A 153 -6.29 14.28 4.33
N SER A 154 -6.85 14.93 5.40
CA SER A 154 -7.86 16.02 5.28
C SER A 154 -7.18 17.35 4.80
N VAL A 155 -5.82 17.39 4.76
CA VAL A 155 -5.05 18.56 4.35
C VAL A 155 -4.22 18.16 3.11
N LYS A 156 -4.29 18.98 2.06
CA LYS A 156 -3.50 18.74 0.84
C LYS A 156 -2.57 19.92 0.58
N LEU A 157 -1.34 19.62 0.20
CA LEU A 157 -0.30 20.62 -0.01
C LEU A 157 0.58 20.28 -1.21
N THR A 158 1.23 21.31 -1.76
CA THR A 158 2.24 21.10 -2.80
C THR A 158 3.57 21.00 -2.09
N TYR A 159 4.60 20.53 -2.78
CA TYR A 159 5.93 20.50 -2.17
C TYR A 159 7.07 20.66 -3.14
N THR A 160 8.19 21.17 -2.60
CA THR A 160 9.47 21.29 -3.29
C THR A 160 10.49 20.67 -2.34
N ALA A 161 11.54 20.06 -2.86
CA ALA A 161 12.56 19.46 -1.99
C ALA A 161 13.93 19.48 -2.63
N GLU A 162 14.96 19.60 -1.80
CA GLU A 162 16.38 19.56 -2.14
C GLU A 162 16.98 18.55 -1.16
N VAL A 163 17.50 17.44 -1.68
CA VAL A 163 18.01 16.34 -0.85
C VAL A 163 19.49 16.14 -1.12
N SER A 164 20.34 16.26 -0.10
CA SER A 164 21.80 16.06 -0.22
C SER A 164 22.12 14.63 0.14
N VAL A 165 22.84 13.94 -0.75
CA VAL A 165 23.19 12.53 -0.57
C VAL A 165 24.64 12.28 -0.95
N PRO A 166 25.29 11.17 -0.53
CA PRO A 166 26.64 10.88 -1.05
C PRO A 166 26.58 10.86 -2.58
N LYS A 167 27.57 11.50 -3.26
CA LYS A 167 27.61 11.67 -4.72
C LYS A 167 27.47 10.38 -5.57
N GLU A 168 27.81 9.22 -4.99
CA GLU A 168 27.73 7.93 -5.69
C GLU A 168 26.31 7.38 -5.74
N LEU A 169 25.38 7.99 -4.97
CA LEU A 169 23.98 7.53 -4.88
C LEU A 169 22.98 8.44 -5.58
N VAL A 170 21.74 7.96 -5.76
CA VAL A 170 20.68 8.71 -6.42
C VAL A 170 19.52 8.83 -5.43
N ALA A 171 18.88 10.01 -5.37
CA ALA A 171 17.68 10.24 -4.58
C ALA A 171 16.52 10.38 -5.57
N LEU A 172 15.34 9.84 -5.20
CA LEU A 172 14.12 10.02 -5.97
C LEU A 172 13.01 10.33 -4.95
N MET A 173 11.98 11.05 -5.39
CA MET A 173 10.82 11.36 -4.55
C MET A 173 9.52 11.23 -5.35
N SER A 174 8.39 11.38 -4.63
CA SER A 174 7.06 11.32 -5.22
C SER A 174 6.73 12.71 -5.81
N ALA A 175 7.50 13.06 -6.83
CA ALA A 175 7.48 14.39 -7.44
C ALA A 175 8.24 14.36 -8.77
N ILE A 176 8.21 15.48 -9.50
CA ILE A 176 8.91 15.58 -10.77
C ILE A 176 10.37 15.92 -10.48
N ARG A 177 11.33 15.18 -11.10
CA ARG A 177 12.77 15.44 -10.92
C ARG A 177 13.08 16.82 -11.49
N ASP A 178 13.74 17.66 -10.68
CA ASP A 178 14.00 19.05 -11.04
C ASP A 178 15.49 19.40 -11.10
N GLY A 179 16.33 18.42 -11.42
CA GLY A 179 17.76 18.64 -11.55
C GLY A 179 18.63 18.10 -10.42
N GLU A 180 19.94 18.09 -10.68
CA GLU A 180 20.97 17.64 -9.75
C GLU A 180 22.21 18.50 -9.90
N THR A 181 22.95 18.72 -8.80
CA THR A 181 24.17 19.52 -8.78
C THR A 181 25.10 18.98 -7.71
N PRO A 182 26.43 19.27 -7.79
CA PRO A 182 27.28 18.91 -6.64
C PRO A 182 26.81 19.76 -5.47
N ASP A 183 26.91 19.23 -4.24
CA ASP A 183 26.49 19.99 -3.07
C ASP A 183 27.55 21.11 -2.89
N PRO A 184 27.16 22.41 -2.90
CA PRO A 184 28.18 23.49 -2.76
C PRO A 184 28.86 23.45 -1.39
N GLU A 185 28.11 23.06 -0.36
CA GLU A 185 28.58 22.95 1.02
C GLU A 185 29.47 21.72 1.27
N ASP A 186 29.46 20.71 0.35
CA ASP A 186 30.24 19.47 0.47
C ASP A 186 30.46 18.80 -0.89
N PRO A 187 31.72 18.79 -1.41
CA PRO A 187 31.97 18.17 -2.72
C PRO A 187 31.87 16.64 -2.79
N SER A 188 31.76 15.94 -1.66
CA SER A 188 31.59 14.48 -1.64
C SER A 188 30.08 14.13 -1.79
N ARG A 189 29.24 15.16 -1.92
CA ARG A 189 27.79 15.00 -1.98
C ARG A 189 27.16 15.65 -3.20
N LYS A 190 25.93 15.20 -3.53
CA LYS A 190 25.12 15.75 -4.60
C LYS A 190 23.81 16.17 -3.97
N ILE A 191 23.20 17.20 -4.56
CA ILE A 191 21.87 17.67 -4.23
C ILE A 191 20.94 17.30 -5.40
N TYR A 192 19.83 16.61 -5.10
CA TYR A 192 18.80 16.28 -6.08
C TYR A 192 17.58 17.15 -5.73
N LYS A 193 16.96 17.79 -6.73
CA LYS A 193 15.83 18.69 -6.54
C LYS A 193 14.54 18.08 -7.06
N PHE A 194 13.41 18.45 -6.43
CA PHE A 194 12.10 17.87 -6.74
C PHE A 194 10.99 18.90 -6.67
N ILE A 195 9.95 18.70 -7.49
CA ILE A 195 8.78 19.57 -7.47
C ILE A 195 7.50 18.78 -7.64
N GLN A 196 6.55 18.97 -6.71
CA GLN A 196 5.24 18.36 -6.77
C GLN A 196 4.24 19.51 -6.78
N LYS A 197 3.77 19.86 -7.99
CA LYS A 197 2.85 20.99 -8.21
C LYS A 197 1.38 20.64 -7.98
N VAL A 198 1.06 19.35 -7.87
CA VAL A 198 -0.33 18.94 -7.61
C VAL A 198 -0.50 18.79 -6.09
N PRO A 199 -1.54 19.43 -5.47
CA PRO A 199 -1.71 19.28 -4.01
C PRO A 199 -2.01 17.82 -3.64
N ILE A 200 -1.27 17.35 -2.64
CA ILE A 200 -1.35 15.98 -2.14
C ILE A 200 -1.49 15.91 -0.61
N PRO A 201 -2.12 14.82 -0.11
CA PRO A 201 -2.06 14.56 1.35
C PRO A 201 -0.62 14.14 1.69
N CYS A 202 -0.11 14.47 2.90
CA CYS A 202 1.29 14.17 3.24
C CYS A 202 1.66 12.68 3.29
N TYR A 203 0.69 11.75 3.41
CA TYR A 203 1.05 10.32 3.39
C TYR A 203 1.66 9.91 2.02
N LEU A 204 1.48 10.77 1.00
CA LEU A 204 2.00 10.56 -0.34
C LEU A 204 3.44 11.05 -0.53
N ILE A 205 4.04 11.69 0.51
CA ILE A 205 5.43 12.12 0.42
C ILE A 205 6.30 10.84 0.46
N ALA A 206 7.32 10.74 -0.41
CA ALA A 206 8.15 9.54 -0.41
C ALA A 206 9.56 9.89 -0.83
N LEU A 207 10.53 9.11 -0.34
CA LEU A 207 11.96 9.27 -0.63
C LEU A 207 12.61 7.91 -0.72
N VAL A 208 13.51 7.74 -1.70
CA VAL A 208 14.38 6.59 -1.86
C VAL A 208 15.77 7.15 -2.13
N VAL A 209 16.81 6.54 -1.52
CA VAL A 209 18.21 6.90 -1.76
C VAL A 209 19.00 5.59 -1.90
N GLY A 210 19.64 5.41 -3.07
CA GLY A 210 20.41 4.19 -3.33
C GLY A 210 21.18 4.20 -4.64
N ALA A 211 21.82 3.06 -4.97
CA ALA A 211 22.59 2.97 -6.22
C ALA A 211 21.60 2.54 -7.31
N LEU A 212 20.78 3.51 -7.75
CA LEU A 212 19.69 3.30 -8.72
C LEU A 212 20.06 3.62 -10.15
N GLU A 213 19.52 2.82 -11.09
CA GLU A 213 19.67 2.96 -12.53
C GLU A 213 18.27 3.02 -13.11
N SER A 214 18.12 3.55 -14.31
CA SER A 214 16.78 3.65 -14.91
C SER A 214 16.76 3.13 -16.32
N ARG A 215 15.58 2.68 -16.77
CA ARG A 215 15.37 2.29 -18.15
C ARG A 215 14.01 2.82 -18.59
N GLN A 216 13.94 3.40 -19.79
CA GLN A 216 12.65 3.89 -20.31
C GLN A 216 11.85 2.71 -20.85
N ILE A 217 10.55 2.66 -20.50
CA ILE A 217 9.65 1.59 -20.94
C ILE A 217 8.38 2.14 -21.60
N GLY A 218 8.25 3.45 -21.61
CA GLY A 218 7.10 4.12 -22.21
C GLY A 218 7.32 5.61 -22.34
N PRO A 219 6.40 6.33 -23.02
CA PRO A 219 6.59 7.79 -23.22
C PRO A 219 6.65 8.65 -21.96
N ARG A 220 6.07 8.16 -20.86
CA ARG A 220 6.08 8.91 -19.60
C ARG A 220 6.50 8.00 -18.44
N THR A 221 7.23 6.93 -18.73
CA THR A 221 7.60 5.99 -17.69
C THR A 221 9.03 5.48 -17.78
N LEU A 222 9.73 5.60 -16.66
CA LEU A 222 11.03 4.98 -16.44
C LEU A 222 10.81 3.95 -15.35
N VAL A 223 11.53 2.82 -15.46
CA VAL A 223 11.56 1.86 -14.37
C VAL A 223 12.93 2.11 -13.67
N TRP A 224 12.91 2.20 -12.33
CA TRP A 224 14.12 2.41 -11.54
C TRP A 224 14.34 1.24 -10.58
N SER A 225 15.61 0.81 -10.43
CA SER A 225 16.00 -0.26 -9.49
CA SER A 225 16.01 -0.21 -9.45
C SER A 225 17.51 -0.30 -9.41
N GLU A 226 18.05 -1.20 -8.58
CA GLU A 226 19.48 -1.41 -8.58
C GLU A 226 19.74 -2.10 -9.95
N LYS A 227 20.96 -1.97 -10.50
CA LYS A 227 21.32 -2.49 -11.83
C LYS A 227 20.88 -3.94 -12.10
N GLU A 228 21.03 -4.82 -11.09
CA GLU A 228 20.73 -6.26 -11.18
C GLU A 228 19.24 -6.56 -11.53
N GLN A 229 18.34 -5.63 -11.22
CA GLN A 229 16.90 -5.83 -11.45
C GLN A 229 16.32 -5.05 -12.65
N VAL A 230 17.08 -4.11 -13.23
CA VAL A 230 16.56 -3.26 -14.31
C VAL A 230 15.97 -4.04 -15.52
N GLU A 231 16.75 -4.97 -16.07
CA GLU A 231 16.30 -5.74 -17.26
C GLU A 231 15.01 -6.52 -17.00
N LYS A 232 14.96 -7.27 -15.89
CA LYS A 232 13.77 -8.06 -15.55
C LYS A 232 12.55 -7.16 -15.31
N SER A 233 12.76 -6.01 -14.64
CA SER A 233 11.67 -5.06 -14.34
C SER A 233 11.09 -4.41 -15.60
N ALA A 234 11.94 -4.00 -16.55
CA ALA A 234 11.51 -3.39 -17.82
C ALA A 234 10.56 -4.32 -18.57
N TYR A 235 10.88 -5.63 -18.60
CA TYR A 235 10.03 -6.63 -19.25
C TYR A 235 8.75 -6.84 -18.45
N GLU A 236 8.89 -7.07 -17.12
CA GLU A 236 7.73 -7.38 -16.27
C GLU A 236 6.63 -6.36 -16.35
N PHE A 237 7.02 -5.06 -16.40
CA PHE A 237 6.06 -3.95 -16.37
C PHE A 237 5.89 -3.26 -17.70
N SER A 238 6.14 -3.98 -18.80
CA SER A 238 6.02 -3.40 -20.15
C SER A 238 4.61 -2.94 -20.56
N GLU A 239 3.57 -3.47 -19.88
CA GLU A 239 2.16 -3.11 -20.16
C GLU A 239 1.77 -1.78 -19.52
N THR A 240 2.67 -1.13 -18.75
CA THR A 240 2.37 0.12 -18.02
C THR A 240 1.69 1.21 -18.85
N GLU A 241 2.29 1.58 -20.00
CA GLU A 241 1.67 2.62 -20.83
C GLU A 241 0.24 2.25 -21.30
N SER A 242 0.03 0.98 -21.71
CA SER A 242 -1.28 0.52 -22.16
CA SER A 242 -1.28 0.53 -22.16
C SER A 242 -2.30 0.64 -21.03
N MET A 243 -1.85 0.38 -19.78
CA MET A 243 -2.74 0.48 -18.62
C MET A 243 -3.05 1.93 -18.30
N LEU A 244 -2.05 2.82 -18.45
CA LEU A 244 -2.26 4.27 -18.25
C LEU A 244 -3.29 4.80 -19.24
N LYS A 245 -3.20 4.38 -20.51
CA LYS A 245 -4.16 4.83 -21.54
C LYS A 245 -5.61 4.41 -21.18
N ILE A 246 -5.79 3.16 -20.75
CA ILE A 246 -7.13 2.67 -20.33
C ILE A 246 -7.61 3.45 -19.10
N ALA A 247 -6.73 3.61 -18.07
CA ALA A 247 -7.09 4.37 -16.87
C ALA A 247 -7.53 5.80 -17.21
N GLU A 248 -6.83 6.48 -18.17
CA GLU A 248 -7.22 7.84 -18.60
C GLU A 248 -8.61 7.84 -19.23
N ASP A 249 -8.92 6.78 -20.02
CA ASP A 249 -10.23 6.65 -20.65
C ASP A 249 -11.31 6.49 -19.58
N LEU A 250 -11.01 5.75 -18.49
CA LEU A 250 -11.98 5.50 -17.42
C LEU A 250 -12.12 6.64 -16.40
N GLY A 251 -11.02 7.26 -16.03
CA GLY A 251 -11.03 8.27 -14.98
C GLY A 251 -10.86 9.72 -15.38
N GLY A 252 -10.52 9.97 -16.64
CA GLY A 252 -10.26 11.32 -17.12
C GLY A 252 -8.75 11.58 -17.18
N PRO A 253 -8.33 12.83 -17.45
CA PRO A 253 -6.88 13.11 -17.59
C PRO A 253 -5.97 12.65 -16.47
N TYR A 254 -4.80 12.11 -16.83
CA TYR A 254 -3.73 11.76 -15.88
C TYR A 254 -3.04 13.14 -15.64
N VAL A 255 -3.13 13.70 -14.43
CA VAL A 255 -2.66 15.07 -14.16
C VAL A 255 -1.23 15.19 -13.62
N TRP A 256 -0.57 14.06 -13.36
CA TRP A 256 0.70 14.00 -12.64
C TRP A 256 2.01 14.18 -13.41
N GLY A 257 1.91 14.27 -14.74
CA GLY A 257 3.08 14.41 -15.59
C GLY A 257 3.68 13.05 -15.93
N GLN A 258 4.54 12.59 -15.05
CA GLN A 258 5.26 11.33 -15.19
C GLN A 258 4.59 10.19 -14.43
N TYR A 259 4.77 8.95 -14.91
CA TYR A 259 4.38 7.78 -14.15
C TYR A 259 5.60 6.85 -14.15
N ASP A 260 6.49 7.00 -13.17
CA ASP A 260 7.66 6.12 -13.08
C ASP A 260 7.38 5.00 -12.08
N LEU A 261 8.19 3.92 -12.14
CA LEU A 261 8.08 2.79 -11.24
C LEU A 261 9.43 2.56 -10.56
N LEU A 262 9.40 2.33 -9.26
CA LEU A 262 10.62 2.01 -8.52
C LEU A 262 10.45 0.62 -7.96
N VAL A 263 11.42 -0.26 -8.26
CA VAL A 263 11.37 -1.65 -7.78
C VAL A 263 12.30 -1.69 -6.58
N LEU A 264 11.72 -1.83 -5.40
CA LEU A 264 12.45 -1.75 -4.13
C LEU A 264 13.23 -3.02 -3.79
N PRO A 265 14.06 -3.00 -2.72
CA PRO A 265 14.70 -4.24 -2.27
C PRO A 265 13.61 -5.15 -1.66
N PRO A 266 13.91 -6.45 -1.44
CA PRO A 266 12.85 -7.39 -1.00
C PRO A 266 12.11 -7.13 0.29
N SER A 267 12.66 -6.28 1.20
CA SER A 267 11.99 -5.96 2.45
C SER A 267 10.88 -4.95 2.34
N PHE A 268 10.60 -4.41 1.11
CA PHE A 268 9.49 -3.48 0.94
C PHE A 268 8.18 -4.12 1.48
N PRO A 269 7.50 -3.49 2.47
CA PRO A 269 6.39 -4.19 3.16
C PRO A 269 5.07 -4.42 2.41
N TYR A 270 4.85 -3.72 1.32
CA TYR A 270 3.62 -3.88 0.57
C TYR A 270 3.86 -4.30 -0.89
N GLY A 271 2.77 -4.69 -1.58
CA GLY A 271 2.84 -5.05 -3.00
C GLY A 271 3.17 -3.83 -3.82
N GLY A 272 2.59 -2.72 -3.42
CA GLY A 272 2.91 -1.43 -4.03
C GLY A 272 2.45 -0.27 -3.18
N MET A 273 2.92 0.93 -3.51
CA MET A 273 2.47 2.14 -2.84
C MET A 273 2.40 3.21 -3.92
N GLU A 274 1.23 3.84 -4.04
CA GLU A 274 0.85 4.79 -5.10
C GLU A 274 1.49 6.18 -4.95
N ASN A 275 2.78 6.24 -4.61
CA ASN A 275 3.44 7.56 -4.47
C ASN A 275 3.39 8.32 -5.80
N PRO A 276 2.83 9.56 -5.81
CA PRO A 276 2.59 10.24 -7.09
C PRO A 276 3.88 10.47 -7.88
N CYS A 277 3.82 10.24 -9.19
CA CYS A 277 4.94 10.30 -10.14
C CYS A 277 5.90 9.14 -10.01
N LEU A 278 5.88 8.40 -8.88
CA LEU A 278 6.82 7.33 -8.62
C LEU A 278 6.21 6.19 -7.80
N THR A 279 5.51 5.27 -8.47
CA THR A 279 4.93 4.12 -7.77
C THR A 279 6.07 3.25 -7.27
N PHE A 280 5.96 2.81 -6.02
CA PHE A 280 6.92 1.89 -5.40
C PHE A 280 6.32 0.51 -5.53
N VAL A 281 7.14 -0.49 -5.93
CA VAL A 281 6.65 -1.89 -6.02
C VAL A 281 7.61 -2.89 -5.39
N THR A 282 7.05 -4.01 -4.94
CA THR A 282 7.83 -5.12 -4.39
C THR A 282 8.56 -5.86 -5.54
N PRO A 283 9.80 -6.36 -5.32
CA PRO A 283 10.46 -7.19 -6.35
C PRO A 283 9.79 -8.57 -6.43
N THR A 284 8.84 -8.91 -5.50
CA THR A 284 8.11 -10.19 -5.58
C THR A 284 7.12 -10.18 -6.79
N LEU A 285 6.94 -9.04 -7.50
CA LEU A 285 6.12 -9.02 -8.72
C LEU A 285 6.90 -9.60 -9.91
N LEU A 286 8.23 -9.76 -9.78
CA LEU A 286 9.08 -10.21 -10.89
C LEU A 286 8.94 -11.73 -11.20
N ALA A 287 7.76 -12.13 -11.66
CA ALA A 287 7.43 -13.54 -11.94
C ALA A 287 8.05 -14.05 -13.27
N GLY A 288 8.43 -13.13 -14.15
CA GLY A 288 9.04 -13.45 -15.44
C GLY A 288 8.05 -13.54 -16.59
N ASP A 289 6.73 -13.42 -16.31
CA ASP A 289 5.70 -13.57 -17.35
C ASP A 289 4.61 -12.47 -17.32
N LYS A 290 4.83 -11.39 -16.53
CA LYS A 290 3.87 -10.26 -16.40
C LYS A 290 2.57 -10.66 -15.68
N SER A 291 2.49 -11.90 -15.12
CA SER A 291 1.25 -12.40 -14.46
C SER A 291 0.77 -11.61 -13.23
N LEU A 292 1.67 -10.89 -12.54
CA LEU A 292 1.29 -10.12 -11.34
C LEU A 292 1.13 -8.63 -11.64
N SER A 293 0.87 -8.30 -12.93
CA SER A 293 0.68 -6.93 -13.42
C SER A 293 -0.56 -6.23 -12.88
N ASN A 294 -1.53 -6.98 -12.27
CA ASN A 294 -2.70 -6.30 -11.69
C ASN A 294 -2.25 -5.31 -10.58
N VAL A 295 -1.13 -5.59 -9.90
CA VAL A 295 -0.62 -4.66 -8.89
C VAL A 295 -0.28 -3.31 -9.55
N ILE A 296 0.29 -3.31 -10.79
CA ILE A 296 0.59 -2.06 -11.49
C ILE A 296 -0.75 -1.37 -11.84
N ALA A 297 -1.74 -2.13 -12.36
CA ALA A 297 -3.07 -1.58 -12.70
C ALA A 297 -3.69 -0.91 -11.45
N HIS A 298 -3.53 -1.55 -10.27
CA HIS A 298 -4.02 -1.03 -8.99
C HIS A 298 -3.31 0.31 -8.66
N GLU A 299 -1.96 0.34 -8.70
CA GLU A 299 -1.21 1.58 -8.40
C GLU A 299 -1.54 2.70 -9.37
N ILE A 300 -1.64 2.37 -10.67
CA ILE A 300 -2.02 3.34 -11.71
C ILE A 300 -3.39 3.94 -11.34
N SER A 301 -4.39 3.07 -11.03
CA SER A 301 -5.75 3.52 -10.66
C SER A 301 -5.78 4.53 -9.51
N HIS A 302 -4.88 4.36 -8.52
CA HIS A 302 -4.78 5.31 -7.39
C HIS A 302 -4.49 6.76 -7.83
N SER A 303 -3.98 6.99 -9.06
CA SER A 303 -3.69 8.34 -9.59
C SER A 303 -5.00 9.18 -9.70
N TRP A 304 -6.14 8.49 -9.65
CA TRP A 304 -7.48 9.08 -9.63
C TRP A 304 -8.14 8.80 -8.24
N THR A 305 -8.37 7.52 -7.89
CA THR A 305 -9.04 7.15 -6.64
C THR A 305 -8.02 6.96 -5.51
N GLY A 306 -7.88 7.99 -4.69
CA GLY A 306 -6.92 8.04 -3.59
C GLY A 306 -6.04 9.27 -3.69
N ASN A 307 -5.35 9.47 -4.83
CA ASN A 307 -4.42 10.61 -5.00
C ASN A 307 -5.10 11.89 -5.42
N LEU A 308 -6.20 11.79 -6.16
CA LEU A 308 -6.97 12.96 -6.60
C LEU A 308 -8.15 13.14 -5.66
N VAL A 309 -9.00 12.09 -5.53
CA VAL A 309 -10.11 12.04 -4.58
C VAL A 309 -9.53 11.27 -3.40
N THR A 310 -9.41 11.90 -2.23
CA THR A 310 -8.75 11.28 -1.07
C THR A 310 -9.72 11.06 0.10
N ASN A 311 -9.49 10.00 0.92
CA ASN A 311 -10.27 9.78 2.16
C ASN A 311 -9.94 10.91 3.15
N LYS A 312 -10.95 11.52 3.75
CA LYS A 312 -10.77 12.63 4.69
C LYS A 312 -10.08 12.16 5.98
N THR A 313 -10.36 10.94 6.41
CA THR A 313 -9.72 10.33 7.60
C THR A 313 -9.53 8.87 7.27
N TRP A 314 -8.75 8.16 8.09
CA TRP A 314 -8.46 6.75 7.90
C TRP A 314 -9.66 5.84 8.11
N ASP A 315 -10.71 6.36 8.76
CA ASP A 315 -11.97 5.62 8.97
C ASP A 315 -12.66 5.33 7.63
N HIS A 316 -12.39 6.17 6.63
CA HIS A 316 -12.99 6.10 5.28
C HIS A 316 -12.03 5.58 4.20
N PHE A 317 -10.99 4.85 4.63
CA PHE A 317 -9.98 4.26 3.76
C PHE A 317 -10.58 3.39 2.65
N TRP A 318 -11.75 2.74 2.92
CA TRP A 318 -12.41 1.91 1.90
C TRP A 318 -12.69 2.75 0.62
N LEU A 319 -12.89 4.08 0.74
CA LEU A 319 -13.16 4.91 -0.44
C LEU A 319 -11.98 4.82 -1.41
N ASN A 320 -10.76 4.96 -0.85
CA ASN A 320 -9.51 4.86 -1.61
C ASN A 320 -9.38 3.47 -2.21
N GLU A 321 -9.47 2.43 -1.37
CA GLU A 321 -9.21 1.05 -1.82
C GLU A 321 -10.27 0.41 -2.66
N GLY A 322 -11.52 0.51 -2.24
CA GLY A 322 -12.64 -0.07 -2.99
C GLY A 322 -12.74 0.44 -4.41
N HIS A 323 -12.70 1.76 -4.61
CA HIS A 323 -12.82 2.35 -5.96
C HIS A 323 -11.58 2.00 -6.79
N THR A 324 -10.40 1.93 -6.16
CA THR A 324 -9.16 1.57 -6.87
C THR A 324 -9.21 0.13 -7.40
N VAL A 325 -9.63 -0.84 -6.55
CA VAL A 325 -9.79 -2.26 -6.96
C VAL A 325 -10.82 -2.32 -8.09
N TYR A 326 -11.89 -1.50 -7.95
CA TYR A 326 -12.92 -1.45 -8.98
C TYR A 326 -12.31 -1.01 -10.34
N LEU A 327 -11.53 0.07 -10.33
CA LEU A 327 -10.87 0.55 -11.55
C LEU A 327 -9.83 -0.45 -12.06
N GLU A 328 -9.00 -1.01 -11.16
CA GLU A 328 -7.97 -2.01 -11.48
C GLU A 328 -8.61 -3.20 -12.23
N ARG A 329 -9.75 -3.70 -11.74
CA ARG A 329 -10.43 -4.84 -12.38
C ARG A 329 -11.02 -4.51 -13.75
N HIS A 330 -11.40 -3.24 -13.95
CA HIS A 330 -11.84 -2.76 -15.27
C HIS A 330 -10.67 -2.66 -16.24
N ILE A 331 -9.49 -2.22 -15.76
CA ILE A 331 -8.30 -2.14 -16.64
C ILE A 331 -7.94 -3.56 -17.12
N CYS A 332 -7.85 -4.51 -16.18
CA CYS A 332 -7.50 -5.88 -16.52
C CYS A 332 -8.59 -6.54 -17.41
N GLY A 333 -9.85 -6.16 -17.21
CA GLY A 333 -11.00 -6.58 -18.00
C GLY A 333 -10.94 -6.05 -19.43
N ARG A 334 -10.51 -4.77 -19.61
CA ARG A 334 -10.34 -4.17 -20.94
C ARG A 334 -9.20 -4.88 -21.68
N LEU A 335 -8.11 -5.23 -20.97
CA LEU A 335 -6.97 -5.90 -21.62
C LEU A 335 -7.19 -7.38 -21.90
N PHE A 336 -7.85 -8.11 -20.97
CA PHE A 336 -8.02 -9.57 -21.07
C PHE A 336 -9.43 -10.12 -21.18
N GLY A 337 -10.44 -9.24 -21.19
CA GLY A 337 -11.81 -9.68 -21.36
C GLY A 337 -12.66 -9.65 -20.10
N GLU A 338 -13.97 -9.56 -20.32
CA GLU A 338 -14.97 -9.49 -19.23
C GLU A 338 -14.99 -10.78 -18.36
N LYS A 339 -14.77 -11.97 -18.97
CA LYS A 339 -14.71 -13.22 -18.18
C LYS A 339 -13.55 -13.16 -17.18
N PHE A 340 -12.45 -12.50 -17.57
CA PHE A 340 -11.30 -12.34 -16.68
C PHE A 340 -11.61 -11.36 -15.53
N ARG A 341 -12.36 -10.27 -15.81
CA ARG A 341 -12.74 -9.33 -14.75
C ARG A 341 -13.59 -10.08 -13.71
N HIS A 342 -14.54 -10.90 -14.17
CA HIS A 342 -15.38 -11.69 -13.25
C HIS A 342 -14.57 -12.71 -12.46
N PHE A 343 -13.58 -13.35 -13.09
CA PHE A 343 -12.69 -14.31 -12.43
C PHE A 343 -11.97 -13.61 -11.26
N ASN A 344 -11.38 -12.43 -11.53
CA ASN A 344 -10.67 -11.69 -10.48
C ASN A 344 -11.58 -11.20 -9.41
N ALA A 345 -12.80 -10.78 -9.77
CA ALA A 345 -13.80 -10.29 -8.81
C ALA A 345 -14.20 -11.42 -7.85
N LEU A 346 -14.44 -12.63 -8.40
CA LEU A 346 -14.82 -13.79 -7.61
C LEU A 346 -13.66 -14.23 -6.70
N GLY A 347 -12.44 -14.15 -7.21
CA GLY A 347 -11.24 -14.43 -6.41
C GLY A 347 -11.14 -13.49 -5.22
N GLY A 348 -11.51 -12.23 -5.45
CA GLY A 348 -11.52 -11.19 -4.43
C GLY A 348 -12.54 -11.48 -3.33
N TRP A 349 -13.72 -12.00 -3.73
CA TRP A 349 -14.75 -12.42 -2.76
C TRP A 349 -14.16 -13.51 -1.84
N GLY A 350 -13.41 -14.44 -2.42
CA GLY A 350 -12.76 -15.53 -1.66
C GLY A 350 -11.76 -14.99 -0.64
N GLU A 351 -10.98 -13.96 -1.02
CA GLU A 351 -10.01 -13.31 -0.12
C GLU A 351 -10.80 -12.64 1.02
N LEU A 352 -11.97 -12.04 0.69
CA LEU A 352 -12.84 -11.42 1.71
C LEU A 352 -13.34 -12.49 2.71
N GLN A 353 -13.74 -13.69 2.21
CA GLN A 353 -14.19 -14.81 3.05
C GLN A 353 -13.06 -15.16 4.04
N ASN A 354 -11.82 -15.26 3.55
CA ASN A 354 -10.63 -15.58 4.36
C ASN A 354 -10.38 -14.54 5.44
N SER A 355 -10.50 -13.24 5.14
CA SER A 355 -10.26 -12.16 6.12
C SER A 355 -11.30 -12.18 7.23
N VAL A 356 -12.59 -12.35 6.85
CA VAL A 356 -13.71 -12.42 7.77
C VAL A 356 -13.58 -13.65 8.67
N LYS A 357 -13.12 -14.79 8.10
CA LYS A 357 -12.91 -16.02 8.88
C LYS A 357 -11.80 -15.82 9.91
N THR A 358 -10.66 -15.22 9.48
CA THR A 358 -9.48 -14.94 10.30
C THR A 358 -9.79 -14.00 11.50
N PHE A 359 -10.43 -12.84 11.25
CA PHE A 359 -10.82 -11.90 12.30
C PHE A 359 -12.00 -12.38 13.14
N GLY A 360 -12.93 -13.07 12.49
CA GLY A 360 -14.20 -13.48 13.09
C GLY A 360 -15.29 -12.56 12.56
N GLU A 361 -16.47 -13.12 12.31
CA GLU A 361 -17.60 -12.37 11.73
C GLU A 361 -18.17 -11.17 12.53
N THR A 362 -17.80 -11.03 13.83
CA THR A 362 -18.29 -9.91 14.64
C THR A 362 -17.18 -8.87 14.87
N HIS A 363 -15.95 -9.17 14.39
CA HIS A 363 -14.81 -8.28 14.60
C HIS A 363 -15.02 -6.90 13.99
N PRO A 364 -14.77 -5.81 14.75
CA PRO A 364 -14.98 -4.46 14.18
C PRO A 364 -14.09 -4.11 12.97
N PHE A 365 -12.95 -4.80 12.78
CA PHE A 365 -12.07 -4.56 11.62
C PHE A 365 -12.69 -5.14 10.32
N THR A 366 -13.83 -5.87 10.43
CA THR A 366 -14.52 -6.40 9.25
C THR A 366 -15.58 -5.43 8.76
N LYS A 367 -15.77 -4.30 9.48
CA LYS A 367 -16.69 -3.24 9.06
C LYS A 367 -16.03 -2.48 7.90
N LEU A 368 -16.85 -1.95 6.98
CA LEU A 368 -16.34 -1.17 5.87
C LEU A 368 -15.82 0.19 6.38
N VAL A 369 -16.63 0.90 7.18
CA VAL A 369 -16.25 2.17 7.82
C VAL A 369 -15.90 1.76 9.27
N VAL A 370 -14.65 2.02 9.68
CA VAL A 370 -14.14 1.65 11.01
C VAL A 370 -13.91 2.88 11.88
N ASP A 371 -13.82 2.69 13.20
CA ASP A 371 -13.53 3.81 14.08
C ASP A 371 -12.13 3.55 14.60
N LEU A 372 -11.13 4.27 14.07
CA LEU A 372 -9.74 4.09 14.44
C LEU A 372 -9.22 4.95 15.64
N THR A 373 -10.09 5.59 16.43
CA THR A 373 -9.66 6.47 17.56
C THR A 373 -8.41 6.00 18.35
N ASP A 374 -8.45 4.81 18.91
CA ASP A 374 -7.30 4.31 19.68
C ASP A 374 -6.74 3.04 19.04
N ILE A 375 -6.80 2.98 17.71
CA ILE A 375 -6.31 1.83 16.93
C ILE A 375 -5.19 2.27 16.01
N ASP A 376 -4.07 1.53 16.04
CA ASP A 376 -2.96 1.76 15.12
C ASP A 376 -3.48 1.34 13.72
N PRO A 377 -3.53 2.25 12.71
CA PRO A 377 -4.00 1.83 11.38
C PRO A 377 -3.24 0.60 10.81
N ASP A 378 -1.93 0.44 11.11
CA ASP A 378 -1.15 -0.72 10.62
C ASP A 378 -1.69 -2.06 11.14
N VAL A 379 -2.26 -2.05 12.35
CA VAL A 379 -2.86 -3.21 13.04
C VAL A 379 -4.23 -3.54 12.41
N ALA A 380 -5.00 -2.50 12.03
CA ALA A 380 -6.31 -2.67 11.41
C ALA A 380 -6.24 -3.05 9.93
N TYR A 381 -5.10 -2.83 9.30
CA TYR A 381 -4.90 -3.13 7.88
C TYR A 381 -5.22 -4.58 7.50
N SER A 382 -6.02 -4.76 6.42
CA SER A 382 -6.41 -6.08 5.89
C SER A 382 -7.04 -5.94 4.51
N SER A 383 -7.49 -7.06 3.95
CA SER A 383 -8.18 -7.13 2.65
C SER A 383 -9.61 -6.56 2.72
N VAL A 384 -10.15 -6.37 3.93
CA VAL A 384 -11.53 -5.89 4.10
C VAL A 384 -11.88 -4.60 3.30
N PRO A 385 -11.17 -3.46 3.52
CA PRO A 385 -11.54 -2.25 2.77
C PRO A 385 -11.40 -2.39 1.27
N TYR A 386 -10.47 -3.26 0.81
CA TYR A 386 -10.27 -3.58 -0.61
C TYR A 386 -11.44 -4.36 -1.16
N GLU A 387 -11.72 -5.53 -0.54
CA GLU A 387 -12.71 -6.49 -1.05
C GLU A 387 -14.14 -6.26 -0.69
N LYS A 388 -14.39 -5.80 0.54
CA LYS A 388 -15.77 -5.47 0.90
C LYS A 388 -16.13 -4.21 0.15
N GLY A 389 -15.16 -3.32 -0.02
CA GLY A 389 -15.35 -2.07 -0.78
C GLY A 389 -15.65 -2.37 -2.22
N PHE A 390 -14.82 -3.24 -2.85
CA PHE A 390 -15.04 -3.68 -4.24
C PHE A 390 -16.41 -4.36 -4.37
N ALA A 391 -16.75 -5.30 -3.44
CA ALA A 391 -18.03 -6.04 -3.47
C ALA A 391 -19.23 -5.09 -3.47
N LEU A 392 -19.18 -4.01 -2.68
CA LEU A 392 -20.25 -3.02 -2.65
C LEU A 392 -20.40 -2.34 -4.00
N LEU A 393 -19.28 -1.94 -4.62
CA LEU A 393 -19.34 -1.26 -5.91
C LEU A 393 -19.78 -2.16 -7.02
N PHE A 394 -19.35 -3.42 -6.98
CA PHE A 394 -19.74 -4.43 -7.97
C PHE A 394 -21.25 -4.76 -7.82
N TYR A 395 -21.71 -4.85 -6.59
CA TYR A 395 -23.14 -5.05 -6.29
C TYR A 395 -23.95 -3.87 -6.87
N LEU A 396 -23.50 -2.63 -6.62
CA LEU A 396 -24.13 -1.41 -7.14
C LEU A 396 -24.15 -1.38 -8.65
N GLU A 397 -23.03 -1.76 -9.30
CA GLU A 397 -22.94 -1.82 -10.77
C GLU A 397 -24.08 -2.70 -11.34
N GLN A 398 -24.26 -3.88 -10.74
CA GLN A 398 -25.29 -4.83 -11.18
C GLN A 398 -26.71 -4.32 -10.92
N LEU A 399 -26.91 -3.70 -9.77
CA LEU A 399 -28.19 -3.13 -9.35
C LEU A 399 -28.63 -1.96 -10.24
N LEU A 400 -27.66 -1.12 -10.64
CA LEU A 400 -27.86 0.13 -11.41
C LEU A 400 -27.84 0.07 -12.96
N GLY A 401 -27.64 -1.10 -13.55
CA GLY A 401 -27.68 -1.22 -15.00
C GLY A 401 -26.43 -1.65 -15.74
N GLY A 402 -25.39 -2.03 -15.00
CA GLY A 402 -24.18 -2.56 -15.62
C GLY A 402 -22.94 -1.71 -15.62
N PRO A 403 -21.83 -2.29 -16.13
CA PRO A 403 -20.53 -1.59 -16.10
C PRO A 403 -20.44 -0.27 -16.83
N GLU A 404 -21.04 -0.15 -18.03
CA GLU A 404 -20.97 1.12 -18.77
C GLU A 404 -21.62 2.26 -17.99
N ILE A 405 -22.80 1.99 -17.39
CA ILE A 405 -23.52 2.95 -16.56
C ILE A 405 -22.71 3.30 -15.28
N PHE A 406 -22.21 2.27 -14.56
CA PHE A 406 -21.45 2.51 -13.32
C PHE A 406 -20.13 3.22 -13.55
N LEU A 407 -19.50 2.98 -14.71
CA LEU A 407 -18.26 3.69 -15.07
C LEU A 407 -18.52 5.18 -15.34
N GLY A 408 -19.74 5.52 -15.77
CA GLY A 408 -20.13 6.93 -15.97
C GLY A 408 -20.14 7.64 -14.62
N PHE A 409 -20.64 6.94 -13.58
CA PHE A 409 -20.65 7.47 -12.22
C PHE A 409 -19.23 7.64 -11.70
N LEU A 410 -18.38 6.62 -11.88
CA LEU A 410 -16.99 6.67 -11.42
C LEU A 410 -16.24 7.91 -11.98
N LYS A 411 -16.40 8.19 -13.28
CA LYS A 411 -15.72 9.35 -13.89
C LYS A 411 -16.29 10.67 -13.36
N ALA A 412 -17.61 10.74 -13.18
CA ALA A 412 -18.26 11.94 -12.64
C ALA A 412 -17.83 12.17 -11.18
N TYR A 413 -17.69 11.07 -10.40
CA TYR A 413 -17.26 11.07 -9.00
C TYR A 413 -15.82 11.61 -8.87
N VAL A 414 -14.92 11.11 -9.71
CA VAL A 414 -13.53 11.61 -9.74
C VAL A 414 -13.52 13.10 -10.12
N GLU A 415 -14.30 13.49 -11.14
CA GLU A 415 -14.36 14.90 -11.57
C GLU A 415 -14.86 15.82 -10.44
N LYS A 416 -15.95 15.39 -9.77
CA LYS A 416 -16.57 16.14 -8.69
C LYS A 416 -15.64 16.41 -7.51
N PHE A 417 -14.92 15.37 -7.08
CA PHE A 417 -14.11 15.44 -5.88
C PHE A 417 -12.59 15.55 -6.06
N SER A 418 -12.12 15.79 -7.32
CA SER A 418 -10.69 15.96 -7.56
C SER A 418 -10.09 17.07 -6.69
N TYR A 419 -8.90 16.80 -6.13
CA TYR A 419 -8.15 17.71 -5.26
C TYR A 419 -8.80 17.89 -3.89
N LYS A 420 -9.80 17.06 -3.56
CA LYS A 420 -10.50 17.19 -2.27
C LYS A 420 -10.35 15.92 -1.42
N SER A 421 -10.73 16.03 -0.13
CA SER A 421 -10.71 14.91 0.83
C SER A 421 -12.15 14.78 1.32
N ILE A 422 -12.70 13.58 1.19
CA ILE A 422 -14.12 13.28 1.42
C ILE A 422 -14.41 12.13 2.39
N THR A 423 -15.65 12.06 2.90
CA THR A 423 -16.10 10.98 3.79
C THR A 423 -17.03 10.04 3.01
N THR A 424 -17.46 8.95 3.66
CA THR A 424 -18.42 7.99 3.13
C THR A 424 -19.76 8.70 2.84
N ASP A 425 -20.16 9.65 3.73
CA ASP A 425 -21.38 10.42 3.53
C ASP A 425 -21.35 11.29 2.27
N ASP A 426 -20.18 11.89 1.94
CA ASP A 426 -19.99 12.69 0.70
C ASP A 426 -20.14 11.79 -0.52
N TRP A 427 -19.54 10.58 -0.48
CA TRP A 427 -19.63 9.63 -1.58
C TRP A 427 -21.09 9.20 -1.78
N LYS A 428 -21.77 8.82 -0.68
CA LYS A 428 -23.17 8.34 -0.71
C LYS A 428 -24.13 9.41 -1.25
N ASP A 429 -23.94 10.65 -0.80
CA ASP A 429 -24.72 11.81 -1.22
C ASP A 429 -24.58 12.01 -2.74
N PHE A 430 -23.33 11.90 -3.27
CA PHE A 430 -23.10 12.07 -4.70
C PHE A 430 -23.67 10.89 -5.50
N LEU A 431 -23.56 9.64 -4.96
CA LEU A 431 -24.14 8.45 -5.58
C LEU A 431 -25.64 8.68 -5.79
N TYR A 432 -26.34 9.16 -4.73
CA TYR A 432 -27.78 9.47 -4.77
C TYR A 432 -28.10 10.59 -5.75
N SER A 433 -27.25 11.62 -5.83
CA SER A 433 -27.43 12.74 -6.76
C SER A 433 -27.29 12.27 -8.22
N TYR A 434 -26.19 11.54 -8.51
CA TYR A 434 -25.94 11.03 -9.86
C TYR A 434 -27.05 10.08 -10.33
N PHE A 435 -27.47 9.15 -9.46
CA PHE A 435 -28.50 8.16 -9.76
C PHE A 435 -29.87 8.53 -9.20
N LYS A 436 -30.21 9.83 -9.23
CA LYS A 436 -31.49 10.36 -8.74
C LYS A 436 -32.72 9.68 -9.38
N ASP A 437 -32.62 9.32 -10.67
CA ASP A 437 -33.68 8.63 -11.40
C ASP A 437 -33.78 7.14 -11.03
N LYS A 438 -32.86 6.65 -10.19
CA LYS A 438 -32.80 5.26 -9.70
C LYS A 438 -32.76 5.18 -8.16
N VAL A 439 -33.28 6.22 -7.46
CA VAL A 439 -33.32 6.27 -5.98
C VAL A 439 -34.12 5.12 -5.35
N ASP A 440 -35.20 4.67 -6.04
CA ASP A 440 -36.04 3.54 -5.60
C ASP A 440 -35.20 2.28 -5.47
N VAL A 441 -34.25 2.08 -6.42
CA VAL A 441 -33.29 0.97 -6.44
C VAL A 441 -32.28 1.14 -5.29
N LEU A 442 -31.73 2.36 -5.14
CA LEU A 442 -30.74 2.69 -4.11
C LEU A 442 -31.28 2.50 -2.71
N ASN A 443 -32.57 2.81 -2.49
CA ASN A 443 -33.20 2.64 -1.17
C ASN A 443 -33.44 1.19 -0.75
N GLN A 444 -33.20 0.22 -1.67
CA GLN A 444 -33.27 -1.23 -1.40
C GLN A 444 -31.97 -1.72 -0.80
N VAL A 445 -30.89 -0.95 -0.98
CA VAL A 445 -29.59 -1.32 -0.41
C VAL A 445 -29.65 -1.25 1.12
N ASP A 446 -29.13 -2.29 1.79
CA ASP A 446 -29.07 -2.30 3.25
C ASP A 446 -27.79 -1.53 3.62
N TRP A 447 -27.87 -0.20 3.58
CA TRP A 447 -26.71 0.68 3.83
C TRP A 447 -26.09 0.46 5.18
N ASN A 448 -26.92 0.33 6.24
CA ASN A 448 -26.43 0.08 7.60
C ASN A 448 -25.56 -1.17 7.67
N ALA A 449 -25.97 -2.29 7.02
CA ALA A 449 -25.21 -3.54 7.00
C ALA A 449 -23.91 -3.41 6.18
N TRP A 450 -24.03 -2.90 4.96
CA TRP A 450 -22.91 -2.74 4.04
C TRP A 450 -21.79 -1.88 4.62
N LEU A 451 -22.15 -0.70 5.13
CA LEU A 451 -21.17 0.27 5.64
C LEU A 451 -20.68 0.08 7.08
N TYR A 452 -21.61 -0.27 8.00
CA TYR A 452 -21.35 -0.27 9.44
C TYR A 452 -21.37 -1.59 10.20
N SER A 453 -21.76 -2.69 9.55
CA SER A 453 -21.86 -4.01 10.19
C SER A 453 -20.66 -4.90 9.91
N PRO A 454 -20.27 -5.73 10.89
CA PRO A 454 -19.16 -6.65 10.65
C PRO A 454 -19.60 -7.86 9.81
N GLY A 455 -18.62 -8.68 9.45
CA GLY A 455 -18.81 -9.93 8.73
C GLY A 455 -18.95 -9.79 7.23
N LEU A 456 -19.39 -10.87 6.58
CA LEU A 456 -19.61 -10.87 5.13
C LEU A 456 -20.77 -9.93 4.79
N PRO A 457 -20.73 -9.30 3.59
CA PRO A 457 -21.84 -8.41 3.19
C PRO A 457 -23.20 -9.12 3.17
N PRO A 458 -24.33 -8.39 3.25
CA PRO A 458 -25.65 -9.07 3.27
C PRO A 458 -26.05 -9.74 1.95
N ILE A 459 -25.50 -9.26 0.82
CA ILE A 459 -25.79 -9.78 -0.52
C ILE A 459 -24.48 -10.09 -1.22
N LYS A 460 -24.43 -11.21 -1.94
CA LYS A 460 -23.27 -11.58 -2.74
C LYS A 460 -23.60 -11.24 -4.20
N PRO A 461 -22.71 -10.49 -4.91
CA PRO A 461 -22.99 -10.18 -6.33
C PRO A 461 -23.06 -11.43 -7.24
N ASN A 462 -23.47 -11.23 -8.49
CA ASN A 462 -23.51 -12.31 -9.48
C ASN A 462 -22.17 -12.35 -10.24
N TYR A 463 -21.54 -13.52 -10.29
CA TYR A 463 -20.24 -13.65 -10.97
C TYR A 463 -20.29 -14.70 -12.05
N ASP A 464 -19.73 -14.39 -13.22
CA ASP A 464 -19.54 -15.35 -14.30
C ASP A 464 -18.49 -16.37 -13.75
N MET A 465 -18.73 -17.66 -13.97
CA MET A 465 -17.89 -18.74 -13.46
C MET A 465 -16.99 -19.37 -14.49
N THR A 466 -17.10 -18.95 -15.78
CA THR A 466 -16.37 -19.55 -16.90
C THR A 466 -14.92 -19.96 -16.58
N LEU A 467 -14.11 -19.00 -16.11
CA LEU A 467 -12.69 -19.26 -15.83
C LEU A 467 -12.41 -19.93 -14.48
N THR A 468 -13.37 -19.85 -13.57
CA THR A 468 -13.23 -20.40 -12.22
C THR A 468 -13.56 -21.90 -12.20
N ASN A 469 -14.49 -22.34 -13.03
CA ASN A 469 -14.93 -23.76 -13.05
C ASN A 469 -13.83 -24.83 -13.02
N ALA A 470 -12.81 -24.73 -13.88
CA ALA A 470 -11.71 -25.71 -13.91
C ALA A 470 -10.92 -25.72 -12.58
N CYS A 471 -10.80 -24.54 -11.91
CA CYS A 471 -10.11 -24.41 -10.62
C CYS A 471 -10.86 -25.14 -9.54
N ILE A 472 -12.18 -24.91 -9.46
CA ILE A 472 -13.03 -25.55 -8.45
C ILE A 472 -13.06 -27.05 -8.70
N ALA A 473 -13.20 -27.47 -9.95
CA ALA A 473 -13.26 -28.89 -10.28
C ALA A 473 -12.00 -29.67 -9.85
N LEU A 474 -10.80 -29.11 -10.11
CA LEU A 474 -9.55 -29.78 -9.72
C LEU A 474 -9.37 -29.77 -8.19
N SER A 475 -9.67 -28.65 -7.54
CA SER A 475 -9.60 -28.54 -6.07
C SER A 475 -10.53 -29.60 -5.46
N GLN A 476 -11.77 -29.70 -5.96
CA GLN A 476 -12.72 -30.70 -5.45
C GLN A 476 -12.26 -32.14 -5.68
N ARG A 477 -11.59 -32.42 -6.82
CA ARG A 477 -11.06 -33.76 -7.07
C ARG A 477 -10.04 -34.12 -5.98
N TRP A 478 -9.13 -33.19 -5.65
CA TRP A 478 -8.12 -33.43 -4.60
C TRP A 478 -8.74 -33.59 -3.20
N ILE A 479 -9.65 -32.67 -2.83
CA ILE A 479 -10.30 -32.71 -1.50
C ILE A 479 -11.09 -34.01 -1.28
N THR A 480 -11.83 -34.48 -2.31
CA THR A 480 -12.65 -35.69 -2.21
C THR A 480 -11.87 -36.99 -2.49
N ALA A 481 -10.60 -36.88 -2.95
CA ALA A 481 -9.80 -38.06 -3.27
C ALA A 481 -9.44 -38.87 -2.03
N LYS A 482 -9.49 -40.21 -2.15
CA LYS A 482 -9.04 -41.11 -1.11
C LYS A 482 -7.68 -41.63 -1.57
N GLU A 483 -6.98 -42.41 -0.72
CA GLU A 483 -5.66 -42.92 -1.10
C GLU A 483 -5.68 -43.63 -2.46
N ASP A 484 -6.73 -44.44 -2.71
CA ASP A 484 -6.83 -45.20 -3.97
C ASP A 484 -7.07 -44.38 -5.25
N ASP A 485 -7.30 -43.04 -5.10
CA ASP A 485 -7.50 -42.11 -6.21
C ASP A 485 -6.25 -41.27 -6.55
N LEU A 486 -5.25 -41.26 -5.66
CA LEU A 486 -4.06 -40.43 -5.83
C LEU A 486 -3.27 -40.71 -7.13
N ASN A 487 -3.24 -42.00 -7.55
CA ASN A 487 -2.56 -42.44 -8.77
C ASN A 487 -3.20 -41.84 -10.03
N SER A 488 -4.48 -41.42 -9.96
CA SER A 488 -5.19 -40.82 -11.10
C SER A 488 -4.67 -39.41 -11.45
N PHE A 489 -4.05 -38.70 -10.47
CA PHE A 489 -3.51 -37.36 -10.72
C PHE A 489 -2.23 -37.43 -11.54
N ASN A 490 -2.04 -36.43 -12.41
CA ASN A 490 -0.89 -36.38 -13.31
C ASN A 490 -0.63 -34.95 -13.75
N ALA A 491 0.60 -34.64 -14.21
CA ALA A 491 0.96 -33.30 -14.66
C ALA A 491 0.02 -32.75 -15.74
N THR A 492 -0.65 -33.64 -16.52
CA THR A 492 -1.62 -33.23 -17.57
C THR A 492 -2.86 -32.49 -17.01
N ASP A 493 -3.20 -32.69 -15.72
CA ASP A 493 -4.30 -31.98 -15.06
C ASP A 493 -4.13 -30.42 -15.17
N LEU A 494 -2.87 -29.94 -15.26
CA LEU A 494 -2.58 -28.50 -15.31
C LEU A 494 -2.38 -27.92 -16.70
N LYS A 495 -2.35 -28.76 -17.75
CA LYS A 495 -2.04 -28.29 -19.10
C LYS A 495 -2.89 -27.11 -19.62
N ASP A 496 -4.17 -27.07 -19.26
CA ASP A 496 -5.04 -26.00 -19.73
C ASP A 496 -5.28 -24.90 -18.69
N LEU A 497 -4.45 -24.85 -17.65
CA LEU A 497 -4.61 -23.81 -16.64
C LEU A 497 -3.59 -22.69 -16.80
N SER A 498 -4.04 -21.43 -16.72
CA SER A 498 -3.12 -20.28 -16.76
C SER A 498 -2.47 -20.18 -15.36
N SER A 499 -1.44 -19.33 -15.20
CA SER A 499 -0.85 -19.15 -13.86
C SER A 499 -1.93 -18.63 -12.87
N HIS A 500 -2.84 -17.75 -13.35
CA HIS A 500 -3.92 -17.18 -12.54
C HIS A 500 -4.82 -18.33 -12.04
N GLN A 501 -5.15 -19.26 -12.95
CA GLN A 501 -5.97 -20.43 -12.62
C GLN A 501 -5.28 -21.39 -11.66
N LEU A 502 -3.95 -21.56 -11.79
CA LEU A 502 -3.19 -22.42 -10.89
C LEU A 502 -3.23 -21.80 -9.48
N ASN A 503 -3.10 -20.48 -9.41
CA ASN A 503 -3.17 -19.73 -8.15
C ASN A 503 -4.53 -19.90 -7.49
N GLU A 504 -5.62 -19.83 -8.28
CA GLU A 504 -6.98 -19.97 -7.78
C GLU A 504 -7.24 -21.40 -7.31
N PHE A 505 -6.74 -22.41 -8.06
CA PHE A 505 -6.82 -23.82 -7.65
C PHE A 505 -6.19 -23.95 -6.24
N LEU A 506 -4.99 -23.35 -6.06
CA LEU A 506 -4.34 -23.37 -4.72
C LEU A 506 -5.13 -22.64 -3.65
N ALA A 507 -5.71 -21.47 -3.97
CA ALA A 507 -6.49 -20.69 -3.01
C ALA A 507 -7.74 -21.48 -2.59
N GLN A 508 -8.43 -22.12 -3.56
CA GLN A 508 -9.62 -22.93 -3.25
C GLN A 508 -9.26 -24.11 -2.31
N THR A 509 -8.14 -24.76 -2.57
CA THR A 509 -7.66 -25.93 -1.79
C THR A 509 -7.22 -25.49 -0.40
N LEU A 510 -6.50 -24.36 -0.33
CA LEU A 510 -6.06 -23.80 0.94
C LEU A 510 -7.22 -23.45 1.87
N GLN A 511 -8.38 -23.05 1.31
CA GLN A 511 -9.57 -22.76 2.11
C GLN A 511 -10.08 -24.03 2.87
N ARG A 512 -9.71 -25.21 2.38
CA ARG A 512 -10.15 -26.49 3.00
C ARG A 512 -8.98 -27.19 3.72
N ALA A 513 -7.86 -26.48 3.87
CA ALA A 513 -6.69 -27.06 4.56
C ALA A 513 -7.01 -27.26 6.05
N PRO A 514 -6.42 -28.28 6.71
CA PRO A 514 -5.44 -29.16 6.08
C PRO A 514 -5.95 -30.31 5.19
N LEU A 515 -5.09 -30.77 4.28
CA LEU A 515 -5.43 -32.00 3.50
C LEU A 515 -4.50 -33.10 4.04
N PRO A 516 -4.75 -34.41 3.81
CA PRO A 516 -3.86 -35.42 4.37
C PRO A 516 -2.45 -35.26 3.80
N LEU A 517 -1.46 -35.57 4.62
CA LEU A 517 -0.06 -35.47 4.21
C LEU A 517 0.26 -36.21 2.88
N GLY A 518 -0.29 -37.42 2.71
CA GLY A 518 -0.12 -38.21 1.49
C GLY A 518 -0.59 -37.48 0.24
N HIS A 519 -1.68 -36.68 0.35
CA HIS A 519 -2.20 -35.92 -0.80
C HIS A 519 -1.20 -34.83 -1.20
N ILE A 520 -0.66 -34.11 -0.21
CA ILE A 520 0.29 -33.02 -0.44
C ILE A 520 1.59 -33.56 -1.07
N LYS A 521 2.08 -34.69 -0.56
CA LYS A 521 3.29 -35.35 -1.14
C LYS A 521 3.03 -35.71 -2.60
N ARG A 522 1.82 -36.22 -2.91
CA ARG A 522 1.45 -36.59 -4.27
C ARG A 522 1.39 -35.38 -5.18
N MET A 523 0.83 -34.28 -4.68
CA MET A 523 0.75 -33.03 -5.42
C MET A 523 2.16 -32.56 -5.84
N GLN A 524 3.16 -32.70 -4.96
CA GLN A 524 4.52 -32.32 -5.31
C GLN A 524 5.07 -33.31 -6.35
N GLU A 525 4.80 -34.60 -6.14
CA GLU A 525 5.26 -35.68 -7.03
C GLU A 525 4.80 -35.43 -8.48
N VAL A 526 3.52 -35.09 -8.67
CA VAL A 526 2.95 -34.92 -10.02
C VAL A 526 2.99 -33.53 -10.62
N TYR A 527 2.96 -32.47 -9.78
CA TYR A 527 2.89 -31.10 -10.26
C TYR A 527 4.16 -30.28 -10.09
N ASN A 528 5.08 -30.76 -9.23
CA ASN A 528 6.37 -30.10 -8.94
C ASN A 528 6.18 -28.61 -8.59
N PHE A 529 5.23 -28.35 -7.68
CA PHE A 529 4.98 -27.00 -7.22
C PHE A 529 6.19 -26.35 -6.54
N ASN A 530 7.11 -27.17 -5.96
CA ASN A 530 8.33 -26.63 -5.33
C ASN A 530 9.20 -25.83 -6.33
N ALA A 531 9.10 -26.13 -7.64
CA ALA A 531 9.91 -25.44 -8.67
C ALA A 531 9.34 -24.10 -9.14
N ILE A 532 8.11 -23.75 -8.71
CA ILE A 532 7.45 -22.51 -9.15
C ILE A 532 8.02 -21.31 -8.40
N ASN A 533 8.44 -20.27 -9.14
CA ASN A 533 9.02 -19.05 -8.57
C ASN A 533 8.00 -17.96 -8.36
N ASN A 534 6.86 -17.99 -9.09
CA ASN A 534 5.80 -16.99 -8.97
C ASN A 534 5.44 -16.89 -7.47
N SER A 535 5.62 -15.70 -6.86
CA SER A 535 5.47 -15.50 -5.42
C SER A 535 4.08 -15.81 -4.87
N GLU A 536 3.01 -15.48 -5.60
CA GLU A 536 1.63 -15.75 -5.17
C GLU A 536 1.37 -17.26 -5.09
N ILE A 537 1.74 -17.98 -6.16
CA ILE A 537 1.57 -19.44 -6.20
C ILE A 537 2.44 -20.10 -5.14
N ARG A 538 3.72 -19.71 -5.07
CA ARG A 538 4.64 -20.32 -4.10
C ARG A 538 4.13 -20.11 -2.67
N PHE A 539 3.67 -18.89 -2.36
CA PHE A 539 3.14 -18.55 -1.05
C PHE A 539 1.97 -19.48 -0.65
N ARG A 540 0.95 -19.63 -1.54
CA ARG A 540 -0.21 -20.48 -1.27
C ARG A 540 0.18 -21.96 -1.15
N TRP A 541 1.11 -22.42 -2.03
CA TRP A 541 1.58 -23.78 -1.97
C TRP A 541 2.30 -24.06 -0.65
N LEU A 542 3.17 -23.13 -0.21
CA LEU A 542 3.87 -23.37 1.06
C LEU A 542 2.95 -23.34 2.29
N ARG A 543 1.93 -22.46 2.28
CA ARG A 543 0.94 -22.41 3.38
C ARG A 543 0.22 -23.75 3.42
N LEU A 544 -0.16 -24.26 2.25
CA LEU A 544 -0.87 -25.54 2.14
C LEU A 544 0.01 -26.65 2.70
N CYS A 545 1.31 -26.67 2.36
CA CYS A 545 2.24 -27.70 2.89
C CYS A 545 2.38 -27.65 4.41
N ILE A 546 2.60 -26.45 4.96
CA ILE A 546 2.78 -26.25 6.41
C ILE A 546 1.50 -26.57 7.17
N GLN A 547 0.35 -26.07 6.68
CA GLN A 547 -0.91 -26.37 7.37
C GLN A 547 -1.23 -27.86 7.28
N SER A 548 -0.71 -28.56 6.25
CA SER A 548 -0.91 -30.01 6.12
C SER A 548 0.21 -30.82 6.79
N LYS A 549 1.04 -30.13 7.61
CA LYS A 549 2.09 -30.72 8.45
C LYS A 549 3.23 -31.45 7.72
N TRP A 550 3.67 -30.93 6.57
CA TRP A 550 4.81 -31.52 5.85
C TRP A 550 6.10 -30.86 6.35
N GLU A 551 6.91 -31.61 7.11
CA GLU A 551 8.17 -31.10 7.67
C GLU A 551 9.17 -30.65 6.63
N ASP A 552 9.20 -31.32 5.43
CA ASP A 552 10.08 -30.97 4.31
C ASP A 552 9.87 -29.51 3.87
N ALA A 553 8.64 -28.97 4.02
CA ALA A 553 8.34 -27.60 3.61
C ALA A 553 8.84 -26.53 4.59
N ILE A 554 9.21 -26.94 5.84
CA ILE A 554 9.64 -26.01 6.90
C ILE A 554 10.82 -25.11 6.40
N PRO A 555 11.97 -25.66 5.90
CA PRO A 555 13.05 -24.76 5.43
C PRO A 555 12.65 -23.86 4.27
N LEU A 556 11.78 -24.33 3.36
CA LEU A 556 11.29 -23.53 2.22
C LEU A 556 10.43 -22.35 2.70
N ALA A 557 9.49 -22.62 3.65
CA ALA A 557 8.61 -21.58 4.22
C ALA A 557 9.41 -20.55 5.01
N LEU A 558 10.40 -21.00 5.81
CA LEU A 558 11.28 -20.11 6.58
C LEU A 558 12.08 -19.19 5.65
N LYS A 559 12.61 -19.76 4.56
CA LYS A 559 13.40 -19.04 3.56
C LYS A 559 12.52 -17.99 2.87
N MET A 560 11.32 -18.37 2.41
CA MET A 560 10.42 -17.38 1.80
C MET A 560 10.02 -16.25 2.77
N ALA A 561 9.72 -16.59 4.03
CA ALA A 561 9.31 -15.61 5.02
C ALA A 561 10.40 -14.56 5.29
N THR A 562 11.68 -14.94 5.12
CA THR A 562 12.81 -14.06 5.46
C THR A 562 13.59 -13.46 4.30
N GLU A 563 13.63 -14.13 3.14
CA GLU A 563 14.35 -13.63 1.96
C GLU A 563 13.62 -12.47 1.26
N GLN A 564 12.34 -12.30 1.60
CA GLN A 564 11.49 -11.18 1.20
C GLN A 564 10.67 -10.74 2.42
N GLY A 565 10.12 -9.55 2.38
CA GLY A 565 9.37 -9.00 3.50
C GLY A 565 8.03 -8.39 3.15
N ARG A 566 7.44 -8.79 2.01
CA ARG A 566 6.11 -8.30 1.67
C ARG A 566 5.16 -8.90 2.72
N MET A 567 4.49 -8.03 3.50
CA MET A 567 3.65 -8.49 4.63
C MET A 567 2.58 -9.51 4.31
N LYS A 568 1.96 -9.40 3.11
CA LYS A 568 0.97 -10.34 2.59
C LYS A 568 1.50 -11.78 2.65
N PHE A 569 2.83 -11.98 2.43
CA PHE A 569 3.48 -13.29 2.43
C PHE A 569 4.13 -13.61 3.77
N THR A 570 5.02 -12.72 4.24
CA THR A 570 5.75 -12.88 5.50
C THR A 570 4.85 -13.13 6.71
N ARG A 571 3.80 -12.31 6.93
CA ARG A 571 2.96 -12.50 8.14
C ARG A 571 2.28 -13.89 8.18
N PRO A 572 1.49 -14.31 7.16
CA PRO A 572 0.86 -15.65 7.22
C PRO A 572 1.85 -16.80 7.25
N LEU A 573 3.03 -16.64 6.57
CA LEU A 573 4.05 -17.68 6.62
C LEU A 573 4.59 -17.89 8.05
N PHE A 574 4.94 -16.80 8.74
CA PHE A 574 5.40 -16.91 10.14
C PHE A 574 4.29 -17.48 11.04
N LYS A 575 3.04 -17.04 10.85
CA LYS A 575 1.91 -17.52 11.67
C LYS A 575 1.66 -19.03 11.48
N ASP A 576 1.66 -19.51 10.22
CA ASP A 576 1.50 -20.95 9.91
C ASP A 576 2.64 -21.77 10.52
N LEU A 577 3.89 -21.25 10.40
CA LEU A 577 5.09 -21.90 10.98
C LEU A 577 5.02 -21.93 12.52
N ALA A 578 4.49 -20.86 13.15
CA ALA A 578 4.34 -20.85 14.62
C ALA A 578 3.23 -21.83 15.07
N ALA A 579 2.20 -22.04 14.21
CA ALA A 579 1.08 -22.95 14.51
C ALA A 579 1.41 -24.44 14.30
N PHE A 580 2.47 -24.76 13.56
CA PHE A 580 2.93 -26.14 13.34
C PHE A 580 3.96 -26.45 14.45
N ASP A 581 3.64 -27.41 15.35
CA ASP A 581 4.51 -27.76 16.49
C ASP A 581 5.96 -28.02 16.09
N LYS A 582 6.19 -28.71 14.94
CA LYS A 582 7.51 -29.05 14.41
C LYS A 582 8.35 -27.83 14.05
N SER A 583 7.71 -26.74 13.62
CA SER A 583 8.42 -25.53 13.25
C SER A 583 8.28 -24.36 14.23
N HIS A 584 7.46 -24.51 15.33
CA HIS A 584 7.20 -23.40 16.26
C HIS A 584 8.43 -22.68 16.76
N ASP A 585 9.36 -23.42 17.36
CA ASP A 585 10.59 -22.85 17.93
C ASP A 585 11.45 -22.18 16.85
N GLN A 586 11.57 -22.81 15.68
CA GLN A 586 12.30 -22.30 14.52
C GLN A 586 11.70 -20.97 14.06
N ALA A 587 10.35 -20.87 14.03
CA ALA A 587 9.66 -19.64 13.61
C ALA A 587 10.01 -18.48 14.55
N VAL A 588 9.85 -18.71 15.86
CA VAL A 588 10.17 -17.72 16.90
C VAL A 588 11.65 -17.31 16.86
N ARG A 589 12.57 -18.31 16.81
CA ARG A 589 14.01 -18.00 16.79
C ARG A 589 14.42 -17.24 15.53
N THR A 590 13.88 -17.63 14.37
CA THR A 590 14.18 -16.94 13.10
C THR A 590 13.73 -15.48 13.17
N TYR A 591 12.54 -15.23 13.74
CA TYR A 591 12.05 -13.87 13.90
C TYR A 591 13.01 -13.07 14.79
N GLN A 592 13.40 -13.63 15.95
CA GLN A 592 14.31 -12.99 16.90
C GLN A 592 15.65 -12.61 16.27
N GLU A 593 16.22 -13.49 15.44
CA GLU A 593 17.50 -13.25 14.74
C GLU A 593 17.40 -12.22 13.63
N HIS A 594 16.25 -12.14 12.92
CA HIS A 594 16.04 -11.22 11.81
C HIS A 594 15.45 -9.85 12.20
N LYS A 595 14.76 -9.76 13.35
CA LYS A 595 14.06 -8.58 13.90
C LYS A 595 14.79 -7.25 13.70
N ALA A 596 16.08 -7.19 14.11
CA ALA A 596 16.89 -5.95 14.05
C ALA A 596 17.15 -5.44 12.63
N SER A 597 17.10 -6.33 11.63
CA SER A 597 17.32 -6.01 10.21
C SER A 597 16.01 -5.99 9.34
N MET A 598 14.84 -6.09 9.99
CA MET A 598 13.55 -6.05 9.32
C MET A 598 13.04 -4.61 9.22
N HIS A 599 12.03 -4.38 8.36
CA HIS A 599 11.35 -3.07 8.25
C HIS A 599 10.68 -2.86 9.62
N PRO A 600 10.71 -1.64 10.21
CA PRO A 600 10.11 -1.45 11.55
C PRO A 600 8.64 -1.80 11.69
N VAL A 601 7.81 -1.51 10.67
CA VAL A 601 6.39 -1.85 10.76
C VAL A 601 6.22 -3.40 10.68
N THR A 602 6.92 -4.05 9.73
CA THR A 602 6.84 -5.51 9.57
C THR A 602 7.29 -6.23 10.87
N ALA A 603 8.39 -5.75 11.48
CA ALA A 603 8.93 -6.29 12.74
C ALA A 603 7.88 -6.21 13.85
N MET A 604 7.22 -5.03 13.97
CA MET A 604 6.20 -4.86 15.00
C MET A 604 5.04 -5.85 14.80
N LEU A 605 4.52 -5.95 13.56
CA LEU A 605 3.36 -6.79 13.26
C LEU A 605 3.61 -8.29 13.39
N VAL A 606 4.79 -8.76 12.93
CA VAL A 606 5.18 -10.17 13.02
C VAL A 606 5.34 -10.53 14.52
N GLY A 607 5.90 -9.60 15.29
CA GLY A 607 6.07 -9.74 16.74
C GLY A 607 4.72 -9.93 17.43
N LYS A 608 3.73 -9.09 17.06
CA LYS A 608 2.37 -9.21 17.60
C LYS A 608 1.72 -10.54 17.19
N ASP A 609 1.88 -10.95 15.91
CA ASP A 609 1.33 -12.21 15.40
C ASP A 609 1.89 -13.42 16.14
N LEU A 610 3.20 -13.40 16.45
CA LEU A 610 3.92 -14.50 17.10
C LEU A 610 3.84 -14.44 18.62
N LYS A 611 3.32 -13.32 19.19
CA LYS A 611 3.25 -13.05 20.64
C LYS A 611 4.67 -13.06 21.24
N VAL A 612 5.60 -12.41 20.54
CA VAL A 612 7.02 -12.27 20.91
C VAL A 612 7.22 -10.77 21.05
N ASP A 613 7.48 -10.30 22.29
CA ASP A 613 7.63 -8.86 22.58
C ASP A 613 9.08 -8.35 22.40
#